data_3ZIE
#
_entry.id   3ZIE
#
_cell.length_a   107.020
_cell.length_b   64.090
_cell.length_c   82.640
_cell.angle_alpha   90.00
_cell.angle_beta   90.00
_cell.angle_gamma   90.00
#
_symmetry.space_group_name_H-M   'P 21 21 2'
#
loop_
_entity.id
_entity.type
_entity.pdbx_description
1 polymer 'SEPF-LIKE PROTEIN'
2 water water
#
_entity_poly.entity_id   1
_entity_poly.type   'polypeptide(L)'
_entity_poly.pdbx_seq_one_letter_code
;VYIRVAEVTGLNEVPEIKREIYDGNIVVADIAFIKHDKLTLDRVLKDLRQLAEDVKGDIVGLGEDYVI(MSE)TPTGIKV
DRNKIRSSSR
;
_entity_poly.pdbx_strand_id   A,B,C,D,E,F
#
# COMPACT_ATOMS: atom_id res chain seq x y z
N VAL A 1 -30.21 -10.08 24.46
CA VAL A 1 -29.40 -9.78 23.24
C VAL A 1 -29.87 -8.42 22.80
N TYR A 2 -28.97 -7.52 22.42
CA TYR A 2 -29.44 -6.38 21.68
C TYR A 2 -28.54 -6.17 20.49
N ILE A 3 -28.90 -5.25 19.60
CA ILE A 3 -28.09 -4.91 18.44
C ILE A 3 -27.58 -3.52 18.70
N ARG A 4 -26.32 -3.26 18.35
CA ARG A 4 -25.72 -1.95 18.55
C ARG A 4 -25.01 -1.58 17.25
N VAL A 5 -25.19 -0.34 16.81
CA VAL A 5 -24.49 0.17 15.63
C VAL A 5 -23.11 0.79 16.01
N ALA A 6 -22.08 0.50 15.22
CA ALA A 6 -20.73 1.04 15.44
C ALA A 6 -20.38 1.98 14.30
N GLU A 7 -19.80 3.13 14.63
CA GLU A 7 -19.30 4.00 13.56
C GLU A 7 -17.83 3.80 13.49
N VAL A 8 -17.41 3.05 12.47
CA VAL A 8 -16.05 2.57 12.44
C VAL A 8 -15.20 3.55 11.65
N THR A 9 -14.52 4.43 12.38
CA THR A 9 -13.67 5.50 11.78
C THR A 9 -12.18 5.13 11.75
N GLY A 10 -11.80 4.00 12.29
CA GLY A 10 -10.37 3.74 12.49
C GLY A 10 -10.18 2.47 13.25
N LEU A 11 -9.05 2.33 13.95
CA LEU A 11 -8.83 1.12 14.77
C LEU A 11 -9.41 1.18 16.16
N ASN A 12 -9.85 2.36 16.56
CA ASN A 12 -10.26 2.58 17.95
C ASN A 12 -11.67 2.10 18.34
N GLU A 13 -12.40 1.45 17.45
CA GLU A 13 -13.71 1.00 17.85
C GLU A 13 -13.71 -0.54 17.99
N VAL A 14 -12.67 -1.17 17.43
CA VAL A 14 -12.56 -2.64 17.49
C VAL A 14 -12.65 -3.24 18.93
N PRO A 15 -11.88 -2.71 19.94
CA PRO A 15 -12.02 -3.28 21.32
C PRO A 15 -13.45 -3.34 21.86
N GLU A 16 -14.24 -2.28 21.65
CA GLU A 16 -15.63 -2.26 22.12
C GLU A 16 -16.54 -3.20 21.30
N ILE A 17 -16.31 -3.27 19.99
CA ILE A 17 -17.06 -4.22 19.13
C ILE A 17 -16.84 -5.63 19.67
N LYS A 18 -15.56 -5.96 19.95
CA LYS A 18 -15.26 -7.28 20.51
C LYS A 18 -15.99 -7.52 21.83
N ARG A 19 -16.00 -6.50 22.70
CA ARG A 19 -16.64 -6.64 23.98
C ARG A 19 -18.15 -6.96 23.81
N GLU A 20 -18.80 -6.30 22.85
CA GLU A 20 -20.24 -6.52 22.65
C GLU A 20 -20.49 -7.91 22.11
N ILE A 21 -19.62 -8.35 21.19
CA ILE A 21 -19.78 -9.69 20.59
C ILE A 21 -19.57 -10.79 21.70
N TYR A 22 -18.50 -10.65 22.47
CA TYR A 22 -18.20 -11.57 23.57
C TYR A 22 -19.40 -11.64 24.54
N ASP A 23 -20.07 -10.51 24.72
CA ASP A 23 -21.20 -10.42 25.59
C ASP A 23 -22.44 -11.08 25.03
N GLY A 24 -22.46 -11.45 23.75
CA GLY A 24 -23.67 -12.11 23.18
C GLY A 24 -24.58 -11.11 22.39
N ASN A 25 -24.11 -9.89 22.16
CA ASN A 25 -24.82 -8.87 21.40
C ASN A 25 -24.39 -8.85 19.93
N ILE A 26 -25.24 -8.23 19.08
CA ILE A 26 -25.00 -8.15 17.63
C ILE A 26 -24.48 -6.76 17.35
N VAL A 27 -23.52 -6.65 16.45
CA VAL A 27 -23.02 -5.30 16.05
C VAL A 27 -23.20 -5.08 14.59
N VAL A 28 -23.80 -3.94 14.24
CA VAL A 28 -23.82 -3.54 12.81
C VAL A 28 -22.81 -2.41 12.63
N ALA A 29 -21.75 -2.67 11.87
CA ALA A 29 -20.65 -1.70 11.79
C ALA A 29 -20.73 -0.89 10.51
N ASP A 30 -20.83 0.45 10.63
CA ASP A 30 -20.73 1.36 9.48
C ASP A 30 -19.28 1.61 9.18
N ILE A 31 -18.79 1.07 8.06
CA ILE A 31 -17.38 1.18 7.67
C ILE A 31 -17.19 2.18 6.50
N ALA A 32 -18.21 3.01 6.25
CA ALA A 32 -18.17 3.97 5.11
C ALA A 32 -16.98 4.93 5.21
N PHE A 33 -16.67 5.35 6.43
CA PHE A 33 -15.48 6.19 6.70
C PHE A 33 -14.14 5.69 6.20
N ILE A 34 -13.94 4.36 6.30
CA ILE A 34 -12.63 3.83 6.04
C ILE A 34 -12.66 2.97 4.80
N LYS A 35 -13.84 2.85 4.18
CA LYS A 35 -13.96 2.09 2.97
C LYS A 35 -12.90 2.40 1.90
N HIS A 36 -12.50 3.67 1.80
CA HIS A 36 -11.55 4.01 0.75
C HIS A 36 -10.14 4.12 1.26
N ASP A 37 -9.88 3.75 2.53
CA ASP A 37 -8.52 3.70 3.02
C ASP A 37 -8.30 2.21 3.30
N LYS A 38 -7.93 1.50 2.25
CA LYS A 38 -7.94 0.02 2.23
C LYS A 38 -7.01 -0.65 3.22
N LEU A 39 -5.92 0.00 3.60
CA LEU A 39 -5.06 -0.55 4.64
C LEU A 39 -5.78 -0.54 5.98
N THR A 40 -6.42 0.56 6.33
CA THR A 40 -7.13 0.65 7.59
C THR A 40 -8.26 -0.35 7.60
N LEU A 41 -9.01 -0.43 6.48
CA LEU A 41 -10.13 -1.32 6.30
C LEU A 41 -9.66 -2.76 6.51
N ASP A 42 -8.52 -3.13 5.91
CA ASP A 42 -8.05 -4.54 5.99
C ASP A 42 -7.64 -4.85 7.41
N ARG A 43 -7.04 -3.86 8.11
CA ARG A 43 -6.68 -4.07 9.52
C ARG A 43 -7.93 -4.28 10.36
N VAL A 44 -8.90 -3.38 10.25
CA VAL A 44 -10.13 -3.59 11.00
C VAL A 44 -10.78 -4.95 10.62
N LEU A 45 -10.84 -5.28 9.33
CA LEU A 45 -11.56 -6.52 8.90
C LEU A 45 -10.88 -7.82 9.34
N LYS A 46 -9.56 -7.82 9.29
CA LYS A 46 -8.81 -8.94 9.79
C LYS A 46 -9.21 -9.16 11.28
N ASP A 47 -9.23 -8.09 12.07
CA ASP A 47 -9.56 -8.21 13.50
C ASP A 47 -10.98 -8.73 13.68
N LEU A 48 -11.93 -8.19 12.90
CA LEU A 48 -13.32 -8.66 13.07
C LEU A 48 -13.63 -10.08 12.56
N ARG A 49 -12.97 -10.46 11.47
CA ARG A 49 -13.04 -11.84 10.97
C ARG A 49 -12.41 -12.83 11.94
N GLN A 50 -11.29 -12.45 12.56
CA GLN A 50 -10.68 -13.31 13.56
C GLN A 50 -11.64 -13.46 14.75
N LEU A 51 -12.30 -12.38 15.13
CA LEU A 51 -13.26 -12.48 16.26
C LEU A 51 -14.44 -13.45 15.88
N ALA A 52 -15.04 -13.27 14.70
CA ALA A 52 -16.08 -14.16 14.24
C ALA A 52 -15.67 -15.61 14.27
N GLU A 53 -14.47 -15.92 13.77
CA GLU A 53 -13.97 -17.29 13.82
C GLU A 53 -13.86 -17.78 15.25
N ASP A 54 -13.29 -16.94 16.11
CA ASP A 54 -12.99 -17.30 17.49
C ASP A 54 -14.24 -17.68 18.22
N VAL A 55 -15.31 -16.89 18.06
CA VAL A 55 -16.54 -17.17 18.78
C VAL A 55 -17.53 -18.03 18.03
N LYS A 56 -17.13 -18.53 16.87
CA LYS A 56 -18.03 -19.18 15.94
C LYS A 56 -19.30 -18.34 15.69
N GLY A 57 -19.13 -17.04 15.49
CA GLY A 57 -20.26 -16.15 15.11
C GLY A 57 -20.21 -15.96 13.60
N ASP A 58 -20.70 -14.84 13.10
CA ASP A 58 -20.63 -14.69 11.65
C ASP A 58 -20.29 -13.25 11.41
N ILE A 59 -19.94 -12.97 10.17
CA ILE A 59 -19.66 -11.61 9.72
C ILE A 59 -19.97 -11.58 8.21
N VAL A 60 -20.74 -10.60 7.78
CA VAL A 60 -21.12 -10.55 6.35
C VAL A 60 -21.36 -9.06 6.01
N GLY A 61 -20.97 -8.69 4.81
CA GLY A 61 -21.26 -7.34 4.29
C GLY A 61 -22.78 -7.08 4.18
N LEU A 62 -23.20 -5.87 4.54
CA LEU A 62 -24.55 -5.43 4.27
C LEU A 62 -24.37 -4.27 3.29
N GLY A 63 -24.71 -4.53 2.05
CA GLY A 63 -24.38 -3.62 0.94
C GLY A 63 -22.93 -3.17 1.01
N GLU A 64 -22.73 -1.92 0.71
CA GLU A 64 -21.42 -1.32 0.66
C GLU A 64 -20.88 -0.72 1.95
N ASP A 65 -21.75 -0.08 2.71
CA ASP A 65 -21.31 0.65 3.89
C ASP A 65 -21.22 -0.06 5.25
N TYR A 66 -21.81 -1.25 5.35
CA TYR A 66 -22.00 -1.95 6.63
C TYR A 66 -21.50 -3.38 6.69
N VAL A 67 -21.07 -3.80 7.89
CA VAL A 67 -20.76 -5.18 8.14
C VAL A 67 -21.63 -5.57 9.33
N ILE A 68 -22.29 -6.71 9.22
CA ILE A 68 -23.11 -7.24 10.33
C ILE A 68 -22.26 -8.32 10.99
N MSE A 69 -22.14 -8.26 12.31
CA MSE A 69 -21.36 -9.23 13.03
C MSE A 69 -22.21 -9.83 14.14
O MSE A 69 -22.93 -9.12 14.86
CB MSE A 69 -20.11 -8.53 13.59
CG MSE A 69 -19.17 -7.85 12.42
SE MSE A 69 -17.92 -7.23 13.68
CE MSE A 69 -17.43 -9.34 13.96
N THR A 70 -22.12 -11.14 14.31
CA THR A 70 -23.04 -11.85 15.17
C THR A 70 -22.23 -12.66 16.19
N PRO A 71 -22.79 -12.83 17.38
CA PRO A 71 -22.11 -13.65 18.36
C PRO A 71 -22.32 -15.20 18.18
N THR A 72 -21.67 -15.97 19.07
CA THR A 72 -21.86 -17.44 19.13
C THR A 72 -23.33 -17.79 19.04
N GLY A 73 -23.68 -18.73 18.17
CA GLY A 73 -25.05 -19.16 18.18
C GLY A 73 -25.94 -18.41 17.23
N ILE A 74 -25.50 -17.25 16.70
CA ILE A 74 -26.33 -16.44 15.80
C ILE A 74 -25.69 -16.37 14.43
N LYS A 75 -26.45 -16.77 13.41
CA LYS A 75 -25.97 -16.72 12.00
C LYS A 75 -26.68 -15.64 11.20
N VAL A 76 -26.13 -15.34 10.02
CA VAL A 76 -26.75 -14.50 9.00
C VAL A 76 -27.12 -15.38 7.85
N ASP A 77 -28.42 -15.52 7.57
CA ASP A 77 -28.93 -16.28 6.42
C ASP A 77 -28.66 -15.48 5.21
N ARG A 78 -27.73 -15.95 4.35
CA ARG A 78 -27.41 -15.23 3.13
C ARG A 78 -28.43 -15.24 1.98
N ASN A 79 -29.48 -16.03 2.06
CA ASN A 79 -30.54 -15.98 1.05
C ASN A 79 -31.42 -14.78 1.41
N LYS A 80 -31.45 -13.76 0.58
CA LYS A 80 -32.27 -12.57 0.86
C LYS A 80 -33.77 -12.80 0.72
N ILE A 81 -34.56 -11.99 1.40
CA ILE A 81 -36.02 -11.94 1.16
C ILE A 81 -36.18 -11.03 -0.04
N ARG A 82 -36.74 -11.56 -1.12
CA ARG A 82 -36.78 -10.78 -2.37
C ARG A 82 -38.18 -10.92 -2.93
N SER A 83 -38.54 -10.10 -3.91
CA SER A 83 -39.85 -10.23 -4.53
C SER A 83 -40.29 -11.69 -4.71
N VAL B 1 -31.85 -17.92 16.69
CA VAL B 1 -32.01 -16.56 16.09
C VAL B 1 -31.07 -16.51 14.92
N TYR B 2 -31.56 -16.06 13.76
CA TYR B 2 -30.71 -15.60 12.70
C TYR B 2 -31.16 -14.24 12.18
N ILE B 3 -30.26 -13.64 11.44
CA ILE B 3 -30.51 -12.35 10.79
C ILE B 3 -30.74 -12.63 9.32
N ARG B 4 -31.78 -12.06 8.75
CA ARG B 4 -31.96 -12.11 7.29
C ARG B 4 -32.10 -10.72 6.67
N VAL B 5 -31.61 -10.54 5.44
CA VAL B 5 -31.63 -9.24 4.76
C VAL B 5 -32.80 -9.23 3.76
N ALA B 6 -33.63 -8.18 3.77
CA ALA B 6 -34.74 -8.07 2.76
C ALA B 6 -34.44 -6.94 1.77
N GLU B 7 -34.68 -7.17 0.47
CA GLU B 7 -34.56 -6.13 -0.57
C GLU B 7 -35.97 -5.71 -0.86
N VAL B 8 -36.39 -4.59 -0.27
CA VAL B 8 -37.82 -4.22 -0.29
C VAL B 8 -38.06 -3.40 -1.56
N THR B 9 -38.82 -3.98 -2.49
CA THR B 9 -39.12 -3.28 -3.76
C THR B 9 -40.60 -2.91 -3.95
N GLY B 10 -41.40 -3.14 -2.92
CA GLY B 10 -42.87 -2.96 -2.96
C GLY B 10 -43.50 -3.67 -1.79
N LEU B 11 -44.82 -3.82 -1.80
CA LEU B 11 -45.51 -4.44 -0.68
C LEU B 11 -45.37 -5.98 -0.64
N ASN B 12 -44.88 -6.59 -1.71
CA ASN B 12 -44.80 -8.05 -1.75
C ASN B 12 -43.76 -8.73 -0.81
N GLU B 13 -42.82 -7.96 -0.24
CA GLU B 13 -41.85 -8.54 0.74
C GLU B 13 -42.31 -8.54 2.20
N VAL B 14 -43.37 -7.78 2.49
CA VAL B 14 -43.84 -7.61 3.87
C VAL B 14 -44.28 -8.92 4.48
N PRO B 15 -45.07 -9.77 3.75
CA PRO B 15 -45.54 -10.96 4.44
C PRO B 15 -44.39 -11.90 4.85
N GLU B 16 -43.32 -12.03 4.04
CA GLU B 16 -42.17 -12.88 4.46
C GLU B 16 -41.36 -12.23 5.61
N ILE B 17 -41.25 -10.90 5.63
CA ILE B 17 -40.61 -10.18 6.79
C ILE B 17 -41.40 -10.48 8.05
N LYS B 18 -42.72 -10.44 7.94
CA LYS B 18 -43.56 -10.71 9.11
C LYS B 18 -43.28 -12.12 9.61
N ARG B 19 -43.23 -13.07 8.69
CA ARG B 19 -43.01 -14.46 9.03
C ARG B 19 -41.68 -14.67 9.78
N GLU B 20 -40.62 -14.02 9.30
CA GLU B 20 -39.29 -14.12 9.98
C GLU B 20 -39.28 -13.54 11.41
N ILE B 21 -39.89 -12.38 11.59
CA ILE B 21 -40.05 -11.74 12.91
C ILE B 21 -40.86 -12.63 13.87
N TYR B 22 -42.00 -13.15 13.39
CA TYR B 22 -42.82 -14.09 14.14
C TYR B 22 -42.04 -15.36 14.47
N ASP B 23 -41.06 -15.72 13.64
CA ASP B 23 -40.21 -16.89 13.91
C ASP B 23 -39.10 -16.58 14.93
N GLY B 24 -39.04 -15.34 15.42
CA GLY B 24 -38.04 -14.95 16.41
C GLY B 24 -36.72 -14.51 15.78
N ASN B 25 -36.72 -14.31 14.47
CA ASN B 25 -35.53 -13.85 13.72
C ASN B 25 -35.48 -12.33 13.52
N ILE B 26 -34.31 -11.81 13.12
CA ILE B 26 -34.05 -10.37 12.95
C ILE B 26 -34.05 -10.12 11.44
N VAL B 27 -34.69 -9.04 11.01
CA VAL B 27 -34.66 -8.66 9.60
C VAL B 27 -34.05 -7.29 9.44
N VAL B 28 -33.08 -7.17 8.53
CA VAL B 28 -32.55 -5.87 8.14
C VAL B 28 -33.11 -5.65 6.72
N ALA B 29 -33.95 -4.63 6.59
CA ALA B 29 -34.65 -4.38 5.30
C ALA B 29 -34.02 -3.21 4.54
N ASP B 30 -33.70 -3.46 3.26
CA ASP B 30 -33.19 -2.42 2.40
C ASP B 30 -34.38 -1.76 1.76
N ILE B 31 -34.58 -0.46 2.03
CA ILE B 31 -35.70 0.28 1.41
C ILE B 31 -35.26 1.28 0.33
N ALA B 32 -33.98 1.21 -0.09
CA ALA B 32 -33.42 2.19 -1.03
C ALA B 32 -34.29 2.37 -2.25
N PHE B 33 -34.82 1.26 -2.73
CA PHE B 33 -35.51 1.22 -4.02
C PHE B 33 -36.81 2.00 -4.05
N ILE B 34 -37.43 2.12 -2.88
CA ILE B 34 -38.75 2.72 -2.78
C ILE B 34 -38.69 4.04 -2.02
N LYS B 35 -37.49 4.55 -1.74
CA LYS B 35 -37.37 5.83 -1.04
C LYS B 35 -38.01 6.99 -1.84
N HIS B 36 -38.15 6.82 -3.15
CA HIS B 36 -38.81 7.88 -3.93
C HIS B 36 -40.13 7.47 -4.49
N ASP B 37 -40.70 6.39 -3.94
CA ASP B 37 -42.12 6.11 -4.21
C ASP B 37 -42.73 6.20 -2.84
N LYS B 38 -42.95 7.43 -2.39
CA LYS B 38 -43.31 7.64 -1.01
C LYS B 38 -44.62 7.03 -0.59
N LEU B 39 -45.57 6.92 -1.50
CA LEU B 39 -46.80 6.28 -1.12
C LEU B 39 -46.54 4.81 -0.74
N THR B 40 -45.78 4.11 -1.58
CA THR B 40 -45.44 2.73 -1.32
C THR B 40 -44.57 2.68 -0.05
N LEU B 41 -43.64 3.60 0.09
CA LEU B 41 -42.78 3.56 1.28
C LEU B 41 -43.55 3.74 2.61
N ASP B 42 -44.45 4.71 2.59
CA ASP B 42 -45.30 4.93 3.75
C ASP B 42 -46.14 3.73 4.11
N ARG B 43 -46.70 3.00 3.15
CA ARG B 43 -47.52 1.82 3.44
C ARG B 43 -46.66 0.72 4.03
N VAL B 44 -45.49 0.50 3.41
CA VAL B 44 -44.56 -0.54 3.93
C VAL B 44 -44.17 -0.17 5.39
N LEU B 45 -43.75 1.08 5.59
CA LEU B 45 -43.25 1.45 6.93
C LEU B 45 -44.41 1.42 7.95
N LYS B 46 -45.61 1.82 7.51
CA LYS B 46 -46.77 1.65 8.38
C LYS B 46 -46.92 0.14 8.78
N ASP B 47 -46.86 -0.74 7.80
CA ASP B 47 -46.95 -2.17 8.12
C ASP B 47 -45.83 -2.65 9.03
N LEU B 48 -44.59 -2.19 8.82
CA LEU B 48 -43.47 -2.71 9.60
C LEU B 48 -43.46 -2.14 11.02
N ARG B 49 -43.87 -0.87 11.16
CA ARG B 49 -44.08 -0.30 12.48
C ARG B 49 -45.21 -0.98 13.28
N GLN B 50 -46.30 -1.29 12.62
CA GLN B 50 -47.38 -2.04 13.26
C GLN B 50 -46.92 -3.44 13.71
N LEU B 51 -46.16 -4.11 12.84
CA LEU B 51 -45.50 -5.39 13.18
C LEU B 51 -44.66 -5.28 14.45
N ALA B 52 -43.76 -4.32 14.52
CA ALA B 52 -42.96 -4.11 15.73
C ALA B 52 -43.86 -3.96 16.95
N GLU B 53 -44.95 -3.21 16.83
CA GLU B 53 -45.87 -3.02 17.99
C GLU B 53 -46.55 -4.32 18.35
N ASP B 54 -46.96 -5.06 17.33
CA ASP B 54 -47.65 -6.32 17.53
C ASP B 54 -46.81 -7.35 18.23
N VAL B 55 -45.50 -7.33 18.05
CA VAL B 55 -44.64 -8.36 18.67
C VAL B 55 -43.84 -7.83 19.87
N LYS B 56 -44.07 -6.57 20.26
CA LYS B 56 -43.22 -5.86 21.23
C LYS B 56 -41.75 -5.89 20.80
N GLY B 57 -41.53 -5.67 19.50
CA GLY B 57 -40.18 -5.72 18.93
C GLY B 57 -39.77 -4.27 18.74
N ASP B 58 -38.65 -4.05 18.08
CA ASP B 58 -38.14 -2.72 17.84
C ASP B 58 -38.00 -2.50 16.32
N ILE B 59 -37.98 -1.24 15.88
CA ILE B 59 -37.68 -0.96 14.48
C ILE B 59 -36.93 0.34 14.45
N VAL B 60 -35.74 0.37 13.85
CA VAL B 60 -34.87 1.53 13.93
C VAL B 60 -34.27 1.78 12.52
N GLY B 61 -34.23 3.03 12.05
CA GLY B 61 -33.56 3.33 10.78
C GLY B 61 -32.06 3.12 10.93
N LEU B 62 -31.40 2.72 9.84
CA LEU B 62 -29.93 2.51 9.81
C LEU B 62 -29.48 3.27 8.57
N GLY B 63 -28.84 4.40 8.77
CA GLY B 63 -28.60 5.34 7.66
C GLY B 63 -29.90 5.73 6.94
N GLU B 64 -29.76 5.97 5.65
CA GLU B 64 -30.89 6.39 4.79
C GLU B 64 -31.64 5.25 4.19
N ASP B 65 -30.99 4.10 4.04
CA ASP B 65 -31.51 3.11 3.12
C ASP B 65 -31.97 1.80 3.74
N TYR B 66 -31.75 1.63 5.05
CA TYR B 66 -32.07 0.40 5.78
C TYR B 66 -32.92 0.67 7.02
N VAL B 67 -33.61 -0.35 7.45
CA VAL B 67 -34.35 -0.32 8.71
C VAL B 67 -34.06 -1.66 9.39
N ILE B 68 -33.78 -1.65 10.68
CA ILE B 68 -33.49 -2.87 11.42
C ILE B 68 -34.75 -3.21 12.21
N MSE B 69 -35.21 -4.45 12.07
CA MSE B 69 -36.40 -4.89 12.79
C MSE B 69 -36.08 -6.05 13.67
O MSE B 69 -35.48 -7.05 13.21
CB MSE B 69 -37.44 -5.31 11.74
CG MSE B 69 -37.84 -4.07 10.88
SE MSE B 69 -39.26 -4.87 9.95
CE MSE B 69 -40.36 -4.68 11.78
N THR B 70 -36.48 -5.99 14.95
CA THR B 70 -36.15 -7.08 15.87
C THR B 70 -37.41 -7.76 16.40
N PRO B 71 -37.31 -9.05 16.80
CA PRO B 71 -38.44 -9.75 17.34
C PRO B 71 -38.58 -9.52 18.85
N THR B 72 -39.58 -10.16 19.46
CA THR B 72 -39.89 -9.89 20.89
C THR B 72 -38.62 -10.05 21.71
N GLY B 73 -38.36 -9.07 22.59
CA GLY B 73 -37.29 -9.20 23.61
C GLY B 73 -35.89 -8.93 23.06
N ILE B 74 -35.79 -8.50 21.81
CA ILE B 74 -34.47 -8.05 21.26
C ILE B 74 -34.68 -6.57 20.95
N LYS B 75 -33.80 -5.74 21.48
CA LYS B 75 -33.94 -4.29 21.29
C LYS B 75 -32.72 -3.79 20.55
N VAL B 76 -32.82 -2.60 19.99
CA VAL B 76 -31.67 -1.91 19.42
C VAL B 76 -31.15 -0.95 20.47
N ASP B 77 -29.89 -1.07 20.84
CA ASP B 77 -29.26 -0.04 21.70
C ASP B 77 -28.94 1.15 20.79
N ARG B 78 -29.65 2.27 21.00
CA ARG B 78 -29.49 3.48 20.14
C ARG B 78 -28.25 4.33 20.44
N ASN B 79 -27.52 4.01 21.49
CA ASN B 79 -26.23 4.68 21.72
C ASN B 79 -25.14 4.00 20.86
N LYS B 80 -24.59 4.66 19.84
CA LYS B 80 -23.62 3.98 18.96
C LYS B 80 -22.30 3.71 19.65
N ILE B 81 -21.53 2.79 19.10
CA ILE B 81 -20.11 2.66 19.47
C ILE B 81 -19.35 3.68 18.66
N ARG B 82 -18.56 4.48 19.34
CA ARG B 82 -17.77 5.50 18.69
C ARG B 82 -16.34 5.40 19.19
N SER B 83 -15.46 6.14 18.53
CA SER B 83 -14.04 6.18 18.87
C SER B 83 -13.86 6.29 20.40
N SER B 84 -12.98 5.46 20.96
CA SER B 84 -12.62 5.55 22.37
C SER B 84 -11.73 6.77 22.68
N SER B 85 -11.04 7.28 21.65
CA SER B 85 -10.16 8.46 21.77
C SER B 85 -10.98 9.75 21.83
N VAL C 1 9.64 4.91 -15.62
CA VAL C 1 8.99 3.65 -16.03
C VAL C 1 7.67 3.67 -15.31
N TYR C 2 6.59 3.47 -16.05
CA TYR C 2 5.33 3.13 -15.41
C TYR C 2 4.70 1.88 -16.02
N ILE C 3 3.68 1.37 -15.38
CA ILE C 3 2.94 0.21 -15.86
C ILE C 3 1.56 0.64 -16.30
N ARG C 4 1.15 0.22 -17.50
CA ARG C 4 -0.21 0.55 -17.95
C ARG C 4 -0.92 -0.74 -18.36
N VAL C 5 -2.22 -0.85 -18.14
CA VAL C 5 -2.99 -2.05 -18.48
C VAL C 5 -3.74 -1.72 -19.76
N ALA C 6 -3.78 -2.67 -20.68
CA ALA C 6 -4.52 -2.55 -21.92
C ALA C 6 -5.68 -3.55 -21.93
N GLU C 7 -6.84 -3.07 -22.39
CA GLU C 7 -7.99 -3.93 -22.66
C GLU C 7 -8.03 -4.18 -24.17
N VAL C 8 -7.56 -5.36 -24.54
CA VAL C 8 -7.36 -5.66 -25.97
C VAL C 8 -8.65 -6.27 -26.44
N THR C 9 -9.36 -5.49 -27.29
CA THR C 9 -10.62 -5.94 -27.85
C THR C 9 -10.46 -6.12 -29.35
N GLY C 10 -9.27 -5.84 -29.87
CA GLY C 10 -9.00 -6.12 -31.29
C GLY C 10 -7.63 -5.62 -31.73
N LEU C 11 -7.43 -5.46 -33.01
CA LEU C 11 -6.18 -4.92 -33.48
C LEU C 11 -5.94 -3.45 -33.13
N ASN C 12 -6.99 -2.76 -32.71
CA ASN C 12 -6.84 -1.31 -32.62
C ASN C 12 -6.04 -0.78 -31.40
N GLU C 13 -5.67 -1.64 -30.49
CA GLU C 13 -4.89 -1.23 -29.29
C GLU C 13 -3.38 -1.49 -29.42
N VAL C 14 -3.00 -2.28 -30.42
CA VAL C 14 -1.58 -2.69 -30.59
C VAL C 14 -0.65 -1.48 -30.85
N PRO C 15 -1.05 -0.54 -31.74
CA PRO C 15 -0.08 0.62 -31.94
C PRO C 15 0.27 1.37 -30.64
N GLU C 16 -0.73 1.69 -29.83
CA GLU C 16 -0.49 2.30 -28.50
C GLU C 16 0.31 1.42 -27.57
N ILE C 17 0.01 0.11 -27.53
CA ILE C 17 0.87 -0.75 -26.69
C ILE C 17 2.33 -0.67 -27.14
N LYS C 18 2.55 -0.68 -28.48
CA LYS C 18 3.94 -0.72 -29.04
C LYS C 18 4.64 0.57 -28.64
N ARG C 19 3.86 1.65 -28.72
CA ARG C 19 4.38 2.97 -28.35
C ARG C 19 4.82 3.07 -26.90
N GLU C 20 3.99 2.51 -26.00
CA GLU C 20 4.32 2.57 -24.58
C GLU C 20 5.55 1.71 -24.32
N ILE C 21 5.61 0.56 -24.96
CA ILE C 21 6.81 -0.28 -24.81
C ILE C 21 8.08 0.43 -25.37
N TYR C 22 7.93 0.97 -26.56
CA TYR C 22 9.04 1.67 -27.16
C TYR C 22 9.54 2.86 -26.29
N ASP C 23 8.61 3.55 -25.64
CA ASP C 23 8.97 4.60 -24.70
C ASP C 23 9.48 4.14 -23.35
N GLY C 24 9.65 2.83 -23.12
CA GLY C 24 10.30 2.37 -21.88
C GLY C 24 9.36 1.98 -20.77
N ASN C 25 8.05 1.83 -21.08
CA ASN C 25 7.08 1.47 -20.06
C ASN C 25 6.73 -0.01 -20.19
N ILE C 26 6.00 -0.55 -19.20
CA ILE C 26 5.59 -1.96 -19.17
C ILE C 26 4.11 -1.99 -19.47
N VAL C 27 3.65 -2.98 -20.24
CA VAL C 27 2.21 -3.06 -20.53
C VAL C 27 1.70 -4.42 -20.05
N VAL C 28 0.61 -4.46 -19.31
CA VAL C 28 -0.01 -5.74 -18.95
C VAL C 28 -1.28 -5.71 -19.80
N ALA C 29 -1.44 -6.66 -20.74
CA ALA C 29 -2.59 -6.59 -21.66
C ALA C 29 -3.59 -7.65 -21.29
N ASP C 30 -4.85 -7.26 -21.10
CA ASP C 30 -5.92 -8.21 -20.93
C ASP C 30 -6.40 -8.66 -22.33
N ILE C 31 -6.30 -9.96 -22.64
CA ILE C 31 -6.65 -10.42 -23.98
C ILE C 31 -7.94 -11.28 -23.92
N ALA C 32 -8.65 -11.23 -22.79
CA ALA C 32 -9.81 -12.12 -22.59
C ALA C 32 -10.86 -11.94 -23.68
N PHE C 33 -11.15 -10.69 -24.07
CA PHE C 33 -12.17 -10.42 -25.12
C PHE C 33 -11.87 -11.11 -26.49
N ILE C 34 -10.58 -11.32 -26.80
CA ILE C 34 -10.25 -11.96 -28.08
C ILE C 34 -9.78 -13.40 -27.96
N LYS C 35 -9.93 -13.95 -26.76
CA LYS C 35 -9.47 -15.33 -26.53
C LYS C 35 -10.25 -16.33 -27.40
N HIS C 36 -11.46 -16.00 -27.83
CA HIS C 36 -12.14 -16.86 -28.87
C HIS C 36 -12.28 -16.21 -30.26
N ASP C 37 -11.46 -15.20 -30.54
CA ASP C 37 -11.34 -14.72 -31.91
C ASP C 37 -9.89 -15.04 -32.23
N LYS C 38 -9.63 -16.30 -32.54
CA LYS C 38 -8.25 -16.77 -32.52
C LYS C 38 -7.41 -16.17 -33.65
N LEU C 39 -8.07 -15.71 -34.73
CA LEU C 39 -7.35 -15.04 -35.80
C LEU C 39 -6.83 -13.71 -35.26
N THR C 40 -7.68 -12.97 -34.55
CA THR C 40 -7.25 -11.70 -34.00
C THR C 40 -6.22 -11.96 -32.88
N LEU C 41 -6.44 -12.97 -32.02
CA LEU C 41 -5.47 -13.28 -31.00
C LEU C 41 -4.05 -13.62 -31.58
N ASP C 42 -3.99 -14.52 -32.59
CA ASP C 42 -2.70 -14.90 -33.15
C ASP C 42 -2.00 -13.71 -33.77
N ARG C 43 -2.77 -12.86 -34.42
CA ARG C 43 -2.19 -11.69 -34.98
C ARG C 43 -1.62 -10.71 -33.94
N VAL C 44 -2.37 -10.51 -32.85
CA VAL C 44 -1.92 -9.63 -31.79
C VAL C 44 -0.63 -10.19 -31.14
N LEU C 45 -0.65 -11.48 -30.79
CA LEU C 45 0.48 -12.10 -30.12
C LEU C 45 1.71 -12.10 -31.04
N LYS C 46 1.49 -12.38 -32.31
CA LYS C 46 2.57 -12.27 -33.28
C LYS C 46 3.19 -10.86 -33.20
N ASP C 47 2.35 -9.83 -33.26
CA ASP C 47 2.91 -8.46 -33.31
C ASP C 47 3.59 -8.14 -32.01
N LEU C 48 3.02 -8.60 -30.91
CA LEU C 48 3.63 -8.34 -29.63
C LEU C 48 4.94 -9.15 -29.38
N ARG C 49 4.98 -10.39 -29.85
CA ARG C 49 6.23 -11.17 -29.79
C ARG C 49 7.34 -10.55 -30.66
N GLN C 50 6.97 -10.02 -31.81
CA GLN C 50 7.93 -9.36 -32.68
C GLN C 50 8.44 -8.09 -32.03
N LEU C 51 7.55 -7.32 -31.40
CA LEU C 51 7.93 -6.11 -30.69
C LEU C 51 8.94 -6.45 -29.59
N ALA C 52 8.59 -7.45 -28.75
CA ALA C 52 9.48 -7.88 -27.68
C ALA C 52 10.86 -8.25 -28.23
N GLU C 53 10.93 -9.04 -29.32
CA GLU C 53 12.22 -9.35 -29.98
C GLU C 53 13.00 -8.08 -30.49
N ASP C 54 12.25 -7.20 -31.14
CA ASP C 54 12.80 -5.92 -31.66
C ASP C 54 13.40 -5.00 -30.60
N VAL C 55 12.83 -4.98 -29.39
CA VAL C 55 13.32 -4.06 -28.38
C VAL C 55 14.19 -4.81 -27.39
N LYS C 56 14.40 -6.13 -27.59
CA LYS C 56 15.05 -6.97 -26.55
C LYS C 56 14.34 -6.80 -25.18
N GLY C 57 13.02 -6.83 -25.22
CA GLY C 57 12.24 -6.82 -23.99
C GLY C 57 11.78 -8.25 -23.79
N ASP C 58 10.68 -8.42 -23.07
CA ASP C 58 10.17 -9.76 -22.78
C ASP C 58 8.68 -9.75 -22.95
N ILE C 59 8.13 -10.94 -23.09
CA ILE C 59 6.69 -11.14 -23.14
C ILE C 59 6.34 -12.50 -22.54
N VAL C 60 5.40 -12.55 -21.63
CA VAL C 60 5.05 -13.84 -20.94
C VAL C 60 3.53 -13.86 -20.68
N GLY C 61 2.89 -15.02 -20.88
CA GLY C 61 1.48 -15.23 -20.48
C GLY C 61 1.37 -15.10 -18.98
N LEU C 62 0.33 -14.43 -18.54
CA LEU C 62 -0.07 -14.41 -17.15
C LEU C 62 -1.45 -15.05 -17.07
N GLY C 63 -1.46 -16.32 -16.65
CA GLY C 63 -2.69 -17.10 -16.59
C GLY C 63 -3.22 -17.25 -17.99
N GLU C 64 -4.55 -17.36 -18.12
CA GLU C 64 -5.16 -17.49 -19.46
C GLU C 64 -5.53 -16.17 -20.17
N ASP C 65 -5.77 -15.14 -19.37
CA ASP C 65 -6.32 -13.91 -19.95
C ASP C 65 -5.38 -12.71 -20.10
N TYR C 66 -4.13 -12.83 -19.71
CA TYR C 66 -3.26 -11.64 -19.65
C TYR C 66 -1.94 -11.95 -20.34
N VAL C 67 -1.24 -10.93 -20.80
CA VAL C 67 0.12 -11.15 -21.29
C VAL C 67 0.88 -9.97 -20.65
N ILE C 68 2.09 -10.18 -20.17
CA ILE C 68 2.92 -9.10 -19.59
C ILE C 68 3.99 -8.81 -20.63
N MSE C 69 4.14 -7.54 -20.95
CA MSE C 69 5.12 -7.15 -21.94
C MSE C 69 6.09 -6.08 -21.34
O MSE C 69 5.66 -5.13 -20.68
CB MSE C 69 4.38 -6.80 -23.23
CG MSE C 69 3.10 -7.95 -23.81
SE MSE C 69 2.98 -6.74 -25.16
CE MSE C 69 4.98 -6.98 -25.83
N THR C 70 7.40 -6.29 -21.48
CA THR C 70 8.42 -5.43 -20.84
C THR C 70 9.30 -4.78 -21.89
N PRO C 71 9.81 -3.55 -21.61
CA PRO C 71 10.68 -2.85 -22.57
C PRO C 71 12.15 -3.29 -22.44
N THR C 72 13.03 -2.64 -23.23
CA THR C 72 14.48 -2.86 -23.19
C THR C 72 14.98 -2.82 -21.75
N GLY C 73 15.78 -3.81 -21.37
CA GLY C 73 16.49 -3.73 -20.11
C GLY C 73 15.62 -4.29 -18.93
N ILE C 74 14.36 -4.62 -19.21
CA ILE C 74 13.46 -5.17 -18.16
C ILE C 74 13.04 -6.57 -18.59
N LYS C 75 13.10 -7.53 -17.67
CA LYS C 75 12.79 -8.89 -18.02
C LYS C 75 11.67 -9.40 -17.16
N VAL C 76 11.12 -10.53 -17.55
CA VAL C 76 10.28 -11.33 -16.65
C VAL C 76 11.09 -12.50 -16.03
N ASP C 77 11.04 -12.60 -14.70
CA ASP C 77 11.67 -13.72 -13.98
C ASP C 77 10.62 -14.83 -14.02
N ARG C 78 10.89 -15.90 -14.76
CA ARG C 78 9.91 -16.99 -14.91
C ARG C 78 9.80 -17.94 -13.73
N ASN C 79 10.68 -17.78 -12.75
CA ASN C 79 10.63 -18.57 -11.52
C ASN C 79 9.68 -17.91 -10.58
N LYS C 80 8.52 -18.53 -10.35
CA LYS C 80 7.49 -17.91 -9.53
C LYS C 80 7.88 -17.89 -8.05
N ILE C 81 7.31 -16.96 -7.28
CA ILE C 81 7.38 -17.03 -5.84
C ILE C 81 6.32 -18.06 -5.42
N ARG C 82 6.77 -19.11 -4.73
CA ARG C 82 5.83 -20.16 -4.28
C ARG C 82 6.13 -20.54 -2.83
N SER C 83 5.34 -21.40 -2.20
CA SER C 83 5.52 -21.58 -0.73
C SER C 83 6.98 -21.66 -0.21
N VAL D 1 15.70 -4.11 -13.08
CA VAL D 1 14.26 -4.34 -12.71
C VAL D 1 13.79 -5.57 -13.40
N TYR D 2 13.19 -6.49 -12.66
CA TYR D 2 12.38 -7.46 -13.34
C TYR D 2 10.98 -7.62 -12.73
N ILE D 3 10.13 -8.40 -13.41
CA ILE D 3 8.79 -8.64 -12.95
C ILE D 3 8.74 -10.13 -12.61
N ARG D 4 8.11 -10.42 -11.50
CA ARG D 4 8.00 -11.80 -11.03
C ARG D 4 6.56 -12.05 -10.55
N VAL D 5 6.03 -13.21 -10.92
CA VAL D 5 4.74 -13.63 -10.40
C VAL D 5 4.82 -14.43 -9.06
N ALA D 6 3.92 -14.13 -8.11
CA ALA D 6 3.81 -14.87 -6.84
C ALA D 6 2.49 -15.66 -6.78
N GLU D 7 2.57 -16.92 -6.34
CA GLU D 7 1.37 -17.72 -6.06
C GLU D 7 1.04 -17.57 -4.61
N VAL D 8 0.09 -16.70 -4.30
CA VAL D 8 -0.18 -16.36 -2.90
C VAL D 8 -1.22 -17.32 -2.32
N THR D 9 -0.73 -18.35 -1.65
CA THR D 9 -1.61 -19.39 -1.08
C THR D 9 -1.88 -19.09 0.41
N GLY D 10 -1.18 -18.09 0.94
CA GLY D 10 -1.31 -17.63 2.30
C GLY D 10 -0.23 -16.65 2.71
N LEU D 11 0.08 -16.65 4.00
CA LEU D 11 1.05 -15.71 4.54
C LEU D 11 2.47 -16.09 4.26
N ASN D 12 2.70 -17.34 3.88
CA ASN D 12 4.11 -17.74 3.69
C ASN D 12 4.84 -17.12 2.48
N GLU D 13 4.13 -16.57 1.50
CA GLU D 13 4.78 -15.90 0.35
C GLU D 13 5.12 -14.41 0.56
N VAL D 14 4.56 -13.80 1.59
CA VAL D 14 4.73 -12.40 1.91
C VAL D 14 6.20 -12.01 2.15
N PRO D 15 6.98 -12.79 2.95
CA PRO D 15 8.35 -12.28 3.15
C PRO D 15 9.18 -12.21 1.85
N GLU D 16 8.98 -13.12 0.89
CA GLU D 16 9.71 -13.01 -0.37
C GLU D 16 9.16 -11.91 -1.28
N ILE D 17 7.85 -11.67 -1.24
CA ILE D 17 7.33 -10.56 -2.06
C ILE D 17 7.99 -9.29 -1.55
N LYS D 18 8.10 -9.17 -0.22
CA LYS D 18 8.68 -7.94 0.33
C LYS D 18 10.13 -7.79 -0.10
N ARG D 19 10.88 -8.90 -0.06
CA ARG D 19 12.29 -8.91 -0.50
C ARG D 19 12.42 -8.41 -1.94
N GLU D 20 11.54 -8.88 -2.83
CA GLU D 20 11.59 -8.47 -4.23
C GLU D 20 11.27 -7.01 -4.37
N ILE D 21 10.25 -6.55 -3.66
CA ILE D 21 9.84 -5.15 -3.76
C ILE D 21 11.00 -4.27 -3.22
N TYR D 22 11.57 -4.60 -2.05
CA TYR D 22 12.70 -3.82 -1.48
C TYR D 22 13.88 -3.79 -2.47
N ASP D 23 14.06 -4.92 -3.20
CA ASP D 23 15.10 -5.05 -4.21
C ASP D 23 14.86 -4.27 -5.51
N GLY D 24 13.73 -3.59 -5.62
CA GLY D 24 13.43 -2.71 -6.77
C GLY D 24 12.65 -3.43 -7.90
N ASN D 25 12.22 -4.68 -7.66
CA ASN D 25 11.46 -5.48 -8.67
C ASN D 25 9.93 -5.35 -8.50
N ILE D 26 9.18 -5.75 -9.52
CA ILE D 26 7.72 -5.63 -9.55
C ILE D 26 7.19 -7.06 -9.24
N VAL D 27 6.11 -7.15 -8.49
CA VAL D 27 5.54 -8.47 -8.19
C VAL D 27 4.10 -8.44 -8.65
N VAL D 28 3.70 -9.43 -9.44
CA VAL D 28 2.29 -9.64 -9.73
C VAL D 28 1.82 -10.81 -8.89
N ALA D 29 0.95 -10.52 -7.93
CA ALA D 29 0.51 -11.53 -6.97
C ALA D 29 -0.79 -12.16 -7.48
N ASP D 30 -0.81 -13.45 -7.69
CA ASP D 30 -2.05 -14.21 -7.92
C ASP D 30 -2.67 -14.60 -6.56
N ILE D 31 -3.77 -13.95 -6.18
CA ILE D 31 -4.45 -14.22 -4.90
C ILE D 31 -5.72 -15.06 -5.04
N ALA D 32 -5.92 -15.63 -6.23
CA ALA D 32 -7.11 -16.46 -6.47
C ALA D 32 -7.26 -17.55 -5.41
N PHE D 33 -6.13 -18.14 -4.98
CA PHE D 33 -6.09 -19.21 -3.97
C PHE D 33 -6.81 -18.82 -2.69
N ILE D 34 -6.67 -17.55 -2.30
CA ILE D 34 -7.18 -17.10 -1.01
C ILE D 34 -8.37 -16.15 -1.15
N LYS D 35 -8.82 -15.92 -2.37
CA LYS D 35 -9.86 -14.91 -2.63
C LYS D 35 -11.10 -15.11 -1.72
N HIS D 36 -11.50 -16.37 -1.49
CA HIS D 36 -12.68 -16.62 -0.62
C HIS D 36 -12.40 -17.08 0.77
N ASP D 37 -11.15 -16.92 1.23
CA ASP D 37 -10.80 -17.12 2.63
C ASP D 37 -10.42 -15.76 3.14
N LYS D 38 -11.45 -15.09 3.57
CA LYS D 38 -11.34 -13.67 3.76
C LYS D 38 -10.45 -13.25 4.91
N LEU D 39 -10.38 -14.07 5.93
CA LEU D 39 -9.53 -13.71 7.04
C LEU D 39 -8.08 -13.78 6.49
N THR D 40 -7.75 -14.87 5.81
CA THR D 40 -6.39 -15.02 5.23
C THR D 40 -6.11 -13.90 4.20
N LEU D 41 -7.06 -13.64 3.32
CA LEU D 41 -6.91 -12.61 2.37
C LEU D 41 -6.65 -11.25 3.06
N ASP D 42 -7.38 -10.97 4.13
CA ASP D 42 -7.26 -9.66 4.80
C ASP D 42 -5.90 -9.53 5.46
N ARG D 43 -5.38 -10.59 6.07
CA ARG D 43 -4.05 -10.47 6.65
C ARG D 43 -2.98 -10.25 5.59
N VAL D 44 -3.07 -11.01 4.49
CA VAL D 44 -2.17 -10.83 3.35
C VAL D 44 -2.26 -9.43 2.77
N LEU D 45 -3.46 -8.94 2.52
CA LEU D 45 -3.59 -7.66 1.87
C LEU D 45 -3.17 -6.51 2.81
N LYS D 46 -3.42 -6.68 4.09
CA LYS D 46 -2.94 -5.69 5.07
C LYS D 46 -1.37 -5.58 5.01
N ASP D 47 -0.66 -6.71 4.97
CA ASP D 47 0.78 -6.70 4.88
C ASP D 47 1.25 -6.03 3.57
N LEU D 48 0.58 -6.37 2.47
CA LEU D 48 1.00 -5.84 1.18
C LEU D 48 0.67 -4.37 0.99
N ARG D 49 -0.48 -3.89 1.51
CA ARG D 49 -0.74 -2.47 1.41
C ARG D 49 0.21 -1.70 2.34
N GLN D 50 0.56 -2.33 3.45
CA GLN D 50 1.53 -1.73 4.37
C GLN D 50 2.89 -1.59 3.63
N LEU D 51 3.26 -2.65 2.92
CA LEU D 51 4.49 -2.70 2.12
C LEU D 51 4.50 -1.54 1.11
N ALA D 52 3.43 -1.40 0.33
CA ALA D 52 3.34 -0.34 -0.67
C ALA D 52 3.49 1.04 -0.04
N GLU D 53 2.75 1.31 1.04
CA GLU D 53 2.90 2.60 1.77
C GLU D 53 4.35 2.84 2.26
N ASP D 54 4.95 1.77 2.81
CA ASP D 54 6.36 1.84 3.31
C ASP D 54 7.46 2.07 2.28
N VAL D 55 7.17 1.80 1.01
CA VAL D 55 8.17 1.97 -0.05
C VAL D 55 7.76 3.06 -1.04
N LYS D 56 6.68 3.79 -0.76
CA LYS D 56 6.14 4.77 -1.70
C LYS D 56 5.86 4.04 -3.07
N GLY D 57 5.35 2.82 -2.95
CA GLY D 57 5.09 1.95 -4.10
C GLY D 57 3.59 2.00 -4.39
N ASP D 58 3.14 1.18 -5.33
CA ASP D 58 1.72 1.13 -5.66
C ASP D 58 1.24 -0.29 -5.48
N ILE D 59 -0.07 -0.43 -5.32
CA ILE D 59 -0.71 -1.75 -5.29
C ILE D 59 -2.05 -1.55 -5.94
N VAL D 60 -2.29 -2.33 -6.97
CA VAL D 60 -3.50 -2.12 -7.74
C VAL D 60 -4.07 -3.46 -8.20
N GLY D 61 -5.42 -3.60 -8.11
CA GLY D 61 -6.08 -4.83 -8.61
C GLY D 61 -5.97 -4.93 -10.12
N LEU D 62 -5.75 -6.15 -10.62
CA LEU D 62 -5.74 -6.43 -12.03
C LEU D 62 -6.78 -7.54 -12.17
N GLY D 63 -7.98 -7.13 -12.55
CA GLY D 63 -9.12 -8.09 -12.51
C GLY D 63 -9.37 -8.62 -11.12
N GLU D 64 -9.85 -9.84 -11.04
CA GLU D 64 -10.19 -10.46 -9.76
C GLU D 64 -9.04 -11.26 -9.14
N ASP D 65 -8.17 -11.77 -10.01
CA ASP D 65 -7.21 -12.77 -9.65
C ASP D 65 -5.90 -12.15 -9.13
N TYR D 66 -5.52 -11.01 -9.66
CA TYR D 66 -4.15 -10.55 -9.46
C TYR D 66 -4.07 -9.20 -8.82
N VAL D 67 -2.95 -8.92 -8.16
CA VAL D 67 -2.69 -7.59 -7.65
C VAL D 67 -1.27 -7.24 -8.18
N ILE D 68 -1.09 -6.06 -8.70
CA ILE D 68 0.23 -5.59 -9.17
C ILE D 68 0.85 -4.76 -8.07
N MSE D 69 2.07 -5.09 -7.70
CA MSE D 69 2.77 -4.38 -6.66
C MSE D 69 4.09 -3.82 -7.19
O MSE D 69 4.90 -4.56 -7.77
CB MSE D 69 2.99 -5.35 -5.52
CG MSE D 69 1.58 -5.68 -4.77
SE MSE D 69 2.33 -6.67 -3.42
CE MSE D 69 2.74 -4.81 -2.57
N THR D 70 4.27 -2.52 -7.04
CA THR D 70 5.41 -1.82 -7.63
C THR D 70 6.34 -1.23 -6.54
N PRO D 71 7.64 -1.14 -6.87
CA PRO D 71 8.58 -0.59 -5.90
C PRO D 71 8.64 0.95 -5.98
N THR D 72 9.48 1.56 -5.14
CA THR D 72 9.64 3.00 -5.14
C THR D 72 9.86 3.53 -6.56
N GLY D 73 9.18 4.62 -6.92
CA GLY D 73 9.47 5.23 -8.22
C GLY D 73 8.89 4.56 -9.47
N ILE D 74 8.15 3.45 -9.29
CA ILE D 74 7.39 2.89 -10.44
C ILE D 74 5.91 2.96 -10.09
N LYS D 75 5.12 3.61 -10.94
CA LYS D 75 3.67 3.80 -10.70
C LYS D 75 2.88 2.92 -11.64
N VAL D 76 1.63 2.58 -11.29
CA VAL D 76 0.68 1.97 -12.23
C VAL D 76 -0.23 3.11 -12.70
N ASP D 77 -0.22 3.41 -13.98
CA ASP D 77 -1.11 4.41 -14.58
C ASP D 77 -2.48 3.79 -14.70
N ARG D 78 -3.44 4.25 -13.91
CA ARG D 78 -4.81 3.73 -14.01
C ARG D 78 -5.65 4.09 -15.26
N ASN D 79 -5.17 5.00 -16.10
CA ASN D 79 -5.92 5.26 -17.34
C ASN D 79 -5.56 4.13 -18.32
N LYS D 80 -6.49 3.22 -18.56
CA LYS D 80 -6.14 2.05 -19.40
C LYS D 80 -6.04 2.39 -20.88
N ILE D 81 -5.37 1.53 -21.64
CA ILE D 81 -5.36 1.62 -23.12
C ILE D 81 -6.62 0.89 -23.54
N ARG D 82 -7.49 1.56 -24.29
CA ARG D 82 -8.79 0.96 -24.67
C ARG D 82 -9.18 1.36 -26.07
N VAL E 1 20.06 10.37 -10.03
CA VAL E 1 20.68 11.08 -8.90
C VAL E 1 21.85 10.24 -8.36
N TYR E 2 23.06 10.79 -8.33
CA TYR E 2 24.08 10.13 -7.56
C TYR E 2 24.72 11.05 -6.53
N ILE E 3 25.49 10.47 -5.61
CA ILE E 3 26.26 11.21 -4.56
C ILE E 3 27.76 11.11 -4.97
N ARG E 4 28.46 12.25 -4.95
CA ARG E 4 29.87 12.24 -5.25
C ARG E 4 30.58 13.02 -4.16
N VAL E 5 31.78 12.56 -3.78
CA VAL E 5 32.54 13.15 -2.68
C VAL E 5 33.56 14.09 -3.30
N ALA E 6 33.72 15.28 -2.71
CA ALA E 6 34.75 16.21 -3.18
C ALA E 6 35.84 16.34 -2.14
N GLU E 7 37.10 16.26 -2.56
CA GLU E 7 38.22 16.53 -1.59
C GLU E 7 38.54 18.00 -1.77
N VAL E 8 38.12 18.85 -0.83
CA VAL E 8 38.23 20.29 -1.06
C VAL E 8 39.53 20.74 -0.41
N THR E 9 40.47 21.08 -1.26
CA THR E 9 41.77 21.58 -0.84
C THR E 9 41.93 23.10 -1.03
N GLY E 10 40.91 23.76 -1.58
CA GLY E 10 41.00 25.20 -1.85
C GLY E 10 39.77 25.62 -2.62
N LEU E 11 39.85 26.74 -3.33
CA LEU E 11 38.73 27.28 -4.08
C LEU E 11 38.55 26.56 -5.39
N ASN E 12 39.56 25.81 -5.80
CA ASN E 12 39.54 25.24 -7.13
C ASN E 12 38.57 24.07 -7.33
N GLU E 13 37.93 23.55 -6.29
CA GLU E 13 36.91 22.46 -6.50
C GLU E 13 35.44 22.96 -6.62
N VAL E 14 35.22 24.21 -6.23
CA VAL E 14 33.90 24.81 -6.15
C VAL E 14 33.13 24.79 -7.49
N PRO E 15 33.77 25.22 -8.61
CA PRO E 15 33.06 25.16 -9.89
C PRO E 15 32.56 23.76 -10.23
N GLU E 16 33.31 22.72 -9.94
CA GLU E 16 32.81 21.39 -10.30
C GLU E 16 31.69 20.98 -9.34
N ILE E 17 31.80 21.39 -8.09
CA ILE E 17 30.72 21.08 -7.11
C ILE E 17 29.43 21.75 -7.56
N LYS E 18 29.52 23.00 -8.00
CA LYS E 18 28.31 23.65 -8.48
C LYS E 18 27.66 22.94 -9.66
N ARG E 19 28.49 22.47 -10.61
CA ARG E 19 27.99 21.82 -11.83
C ARG E 19 27.20 20.55 -11.42
N GLU E 20 27.77 19.80 -10.49
CA GLU E 20 27.15 18.55 -9.99
C GLU E 20 25.80 18.85 -9.37
N ILE E 21 25.75 19.92 -8.57
CA ILE E 21 24.51 20.31 -7.91
C ILE E 21 23.46 20.79 -8.93
N TYR E 22 23.87 21.64 -9.87
CA TYR E 22 22.95 22.07 -10.98
C TYR E 22 22.48 20.87 -11.76
N ASP E 23 23.33 19.85 -11.87
CA ASP E 23 22.97 18.68 -12.64
C ASP E 23 22.01 17.78 -11.86
N GLY E 24 21.67 18.19 -10.63
CA GLY E 24 20.75 17.39 -9.85
C GLY E 24 21.35 16.27 -9.01
N ASN E 25 22.66 16.30 -8.80
CA ASN E 25 23.38 15.34 -7.92
C ASN E 25 23.65 15.90 -6.55
N ILE E 26 24.11 15.01 -5.65
CA ILE E 26 24.34 15.35 -4.24
C ILE E 26 25.85 15.33 -4.11
N VAL E 27 26.39 16.32 -3.39
CA VAL E 27 27.80 16.35 -3.18
C VAL E 27 28.14 16.32 -1.71
N VAL E 28 29.11 15.48 -1.35
CA VAL E 28 29.62 15.51 0.03
C VAL E 28 31.03 16.12 -0.02
N ALA E 29 31.24 17.28 0.55
CA ALA E 29 32.56 17.93 0.50
C ALA E 29 33.35 17.63 1.80
N ASP E 30 34.52 17.03 1.64
CA ASP E 30 35.49 16.87 2.73
C ASP E 30 36.26 18.19 2.79
N ILE E 31 36.03 18.95 3.83
CA ILE E 31 36.73 20.22 4.02
C ILE E 31 37.88 20.16 5.02
N ALA E 32 38.25 18.95 5.43
CA ALA E 32 39.25 18.77 6.51
C ALA E 32 40.58 19.44 6.10
N PHE E 33 40.86 19.46 4.80
CA PHE E 33 42.07 20.04 4.30
C PHE E 33 42.19 21.54 4.54
N ILE E 34 41.06 22.26 4.61
CA ILE E 34 41.10 23.71 4.69
C ILE E 34 40.49 24.22 6.00
N LYS E 35 40.13 23.28 6.89
CA LYS E 35 39.36 23.67 8.09
C LYS E 35 40.12 24.58 9.05
N HIS E 36 41.43 24.56 9.03
CA HIS E 36 42.24 25.47 9.84
C HIS E 36 42.63 26.79 9.12
N ASP E 37 42.34 26.92 7.82
CA ASP E 37 42.58 28.16 7.08
C ASP E 37 41.23 28.87 6.99
N LYS E 38 40.90 29.63 8.02
CA LYS E 38 39.53 30.06 8.24
C LYS E 38 39.04 30.98 7.14
N LEU E 39 39.94 31.74 6.56
CA LEU E 39 39.52 32.70 5.55
C LEU E 39 39.14 31.91 4.31
N THR E 40 39.94 30.89 3.96
CA THR E 40 39.64 30.08 2.79
C THR E 40 38.34 29.27 3.04
N LEU E 41 38.25 28.73 4.24
CA LEU E 41 37.10 27.97 4.64
C LEU E 41 35.83 28.83 4.52
N ASP E 42 35.88 30.07 5.02
CA ASP E 42 34.73 30.98 4.98
C ASP E 42 34.35 31.33 3.52
N ARG E 43 35.34 31.60 2.67
CA ARG E 43 35.04 31.82 1.25
C ARG E 43 34.35 30.61 0.58
N VAL E 44 34.90 29.41 0.82
CA VAL E 44 34.35 28.19 0.22
C VAL E 44 32.90 27.93 0.76
N LEU E 45 32.70 28.09 2.06
CA LEU E 45 31.39 27.78 2.63
C LEU E 45 30.35 28.83 2.18
N LYS E 46 30.77 30.11 2.13
CA LYS E 46 29.92 31.13 1.53
C LYS E 46 29.45 30.68 0.12
N ASP E 47 30.39 30.28 -0.76
CA ASP E 47 30.02 29.87 -2.12
C ASP E 47 29.05 28.69 -2.07
N LEU E 48 29.30 27.74 -1.22
CA LEU E 48 28.42 26.57 -1.22
C LEU E 48 27.06 26.85 -0.60
N ARG E 49 27.01 27.70 0.43
CA ARG E 49 25.71 28.03 1.05
C ARG E 49 24.90 28.88 0.09
N GLN E 50 25.56 29.76 -0.65
CA GLN E 50 24.85 30.54 -1.70
C GLN E 50 24.26 29.63 -2.80
N LEU E 51 25.08 28.66 -3.24
CA LEU E 51 24.60 27.62 -4.20
C LEU E 51 23.32 26.95 -3.66
N ALA E 52 23.38 26.47 -2.41
CA ALA E 52 22.28 25.71 -1.85
C ALA E 52 21.04 26.63 -1.83
N GLU E 53 21.25 27.88 -1.44
CA GLU E 53 20.13 28.82 -1.35
C GLU E 53 19.52 29.09 -2.75
N ASP E 54 20.40 29.29 -3.75
CA ASP E 54 19.99 29.60 -5.10
C ASP E 54 19.16 28.51 -5.72
N VAL E 55 19.57 27.26 -5.52
CA VAL E 55 18.82 26.19 -6.14
C VAL E 55 17.66 25.62 -5.28
N LYS E 56 17.40 26.23 -4.12
CA LYS E 56 16.38 25.78 -3.15
C LYS E 56 16.68 24.33 -2.76
N GLY E 57 17.97 24.02 -2.65
CA GLY E 57 18.40 22.72 -2.12
C GLY E 57 18.66 22.85 -0.63
N ASP E 58 19.74 22.22 -0.14
CA ASP E 58 20.05 22.29 1.28
C ASP E 58 21.49 22.03 1.47
N ILE E 59 21.97 22.26 2.69
CA ILE E 59 23.36 22.04 3.02
C ILE E 59 23.40 21.76 4.53
N VAL E 60 24.11 20.72 4.94
CA VAL E 60 24.24 20.45 6.40
C VAL E 60 25.71 20.14 6.75
N GLY E 61 26.16 20.54 7.92
CA GLY E 61 27.52 20.09 8.38
C GLY E 61 27.46 18.68 8.97
N LEU E 62 28.49 17.86 8.74
CA LEU E 62 28.66 16.61 9.49
C LEU E 62 29.95 16.69 10.25
N GLY E 63 29.86 17.04 11.53
CA GLY E 63 31.03 17.36 12.38
C GLY E 63 31.79 18.52 11.75
N GLU E 64 33.10 18.48 11.88
CA GLU E 64 34.01 19.55 11.40
C GLU E 64 34.56 19.29 10.02
N ASP E 65 34.53 18.03 9.58
CA ASP E 65 35.16 17.65 8.34
C ASP E 65 34.33 17.61 7.04
N TYR E 66 33.00 17.56 7.16
CA TYR E 66 32.20 17.38 5.99
C TYR E 66 31.03 18.33 5.95
N VAL E 67 30.67 18.66 4.71
CA VAL E 67 29.43 19.34 4.44
C VAL E 67 28.68 18.58 3.29
N ILE E 68 27.37 18.40 3.40
CA ILE E 68 26.63 17.70 2.36
C ILE E 68 25.69 18.70 1.74
N MSE E 69 25.67 18.74 0.41
CA MSE E 69 24.79 19.64 -0.29
C MSE E 69 23.87 18.89 -1.17
O MSE E 69 24.27 17.92 -1.80
CB MSE E 69 25.52 20.71 -1.12
CG MSE E 69 26.61 20.28 -1.93
SE MSE E 69 27.86 21.83 -1.48
CE MSE E 69 27.91 21.43 0.44
N THR E 70 22.64 19.34 -1.19
CA THR E 70 21.66 18.66 -1.97
C THR E 70 21.08 19.62 -3.00
N PRO E 71 20.63 19.02 -4.12
CA PRO E 71 20.05 19.82 -5.17
C PRO E 71 18.55 20.13 -4.98
N THR E 72 18.01 20.84 -5.96
CA THR E 72 16.59 21.27 -5.97
C THR E 72 15.72 20.09 -5.67
N GLY E 73 14.81 20.24 -4.73
CA GLY E 73 13.83 19.14 -4.50
C GLY E 73 14.32 18.14 -3.46
N ILE E 74 15.58 18.28 -3.03
CA ILE E 74 16.09 17.36 -2.01
C ILE E 74 16.55 18.11 -0.73
N LYS E 75 15.99 17.74 0.41
CA LYS E 75 16.23 18.47 1.65
C LYS E 75 16.87 17.57 2.66
N VAL E 76 17.43 18.13 3.73
CA VAL E 76 17.94 17.38 4.88
C VAL E 76 16.88 17.43 5.96
N ASP E 77 16.49 16.25 6.43
CA ASP E 77 15.59 16.12 7.59
C ASP E 77 16.45 16.23 8.85
N ARG E 78 16.36 17.35 9.55
CA ARG E 78 17.26 17.57 10.70
C ARG E 78 16.79 16.89 12.01
N ASN E 79 15.70 16.14 11.98
CA ASN E 79 15.34 15.32 13.17
C ASN E 79 16.12 14.02 13.03
N LYS E 80 17.18 13.89 13.84
CA LYS E 80 18.14 12.79 13.62
C LYS E 80 17.53 11.53 14.10
N ILE E 81 18.01 10.39 13.59
CA ILE E 81 17.60 9.11 14.13
C ILE E 81 18.42 8.87 15.38
N ARG E 82 17.71 8.60 16.48
CA ARG E 82 18.35 8.43 17.77
C ARG E 82 17.76 7.23 18.45
N SER E 83 18.48 6.68 19.42
CA SER E 83 18.12 5.40 20.07
C SER E 83 16.62 5.05 20.16
N VAL F 1 12.66 12.66 -1.89
CA VAL F 1 13.95 12.14 -1.29
C VAL F 1 14.45 13.19 -0.31
N TYR F 2 14.77 12.75 0.90
CA TYR F 2 15.60 13.54 1.77
C TYR F 2 16.77 12.75 2.38
N ILE F 3 17.62 13.49 3.07
CA ILE F 3 18.81 12.91 3.73
C ILE F 3 18.51 13.02 5.22
N ARG F 4 18.82 11.97 5.98
CA ARG F 4 18.63 12.05 7.43
C ARG F 4 19.84 11.49 8.11
N VAL F 5 20.32 12.14 9.17
CA VAL F 5 21.46 11.60 9.93
C VAL F 5 21.01 10.66 11.06
N ALA F 6 21.71 9.52 11.23
CA ALA F 6 21.49 8.64 12.39
C ALA F 6 22.68 8.67 13.35
N GLU F 7 22.39 8.76 14.64
CA GLU F 7 23.40 8.68 15.70
C GLU F 7 23.39 7.26 16.21
N VAL F 8 24.32 6.47 15.72
CA VAL F 8 24.28 5.04 15.92
C VAL F 8 25.07 4.77 17.23
N THR F 9 24.33 4.37 18.26
CA THR F 9 24.89 3.99 19.55
C THR F 9 24.81 2.46 19.86
N GLY F 10 24.27 1.67 18.96
CA GLY F 10 24.09 0.24 19.20
C GLY F 10 23.27 -0.32 18.07
N LEU F 11 22.67 -1.49 18.27
CA LEU F 11 21.76 -2.03 17.28
C LEU F 11 20.42 -1.36 17.26
N ASN F 12 20.11 -0.55 18.27
CA ASN F 12 18.71 -0.02 18.38
C ASN F 12 18.26 1.01 17.33
N GLU F 13 19.18 1.55 16.53
CA GLU F 13 18.79 2.50 15.49
C GLU F 13 18.60 1.83 14.12
N VAL F 14 19.06 0.58 14.00
CA VAL F 14 18.99 -0.12 12.71
C VAL F 14 17.57 -0.20 12.13
N PRO F 15 16.57 -0.57 12.96
CA PRO F 15 15.21 -0.65 12.38
C PRO F 15 14.74 0.64 11.74
N GLU F 16 15.03 1.79 12.35
CA GLU F 16 14.60 3.04 11.76
C GLU F 16 15.40 3.42 10.47
N ILE F 17 16.71 3.15 10.46
CA ILE F 17 17.50 3.31 9.26
C ILE F 17 16.91 2.50 8.11
N LYS F 18 16.60 1.22 8.37
CA LYS F 18 15.89 0.43 7.35
C LYS F 18 14.62 1.07 6.86
N ARG F 19 13.75 1.54 7.77
CA ARG F 19 12.49 2.17 7.32
C ARG F 19 12.78 3.36 6.39
N GLU F 20 13.77 4.18 6.78
CA GLU F 20 14.10 5.33 5.91
C GLU F 20 14.60 4.96 4.51
N ILE F 21 15.49 3.97 4.47
CA ILE F 21 16.05 3.54 3.19
C ILE F 21 14.94 2.87 2.33
N TYR F 22 14.07 2.04 2.95
CA TYR F 22 12.97 1.42 2.17
C TYR F 22 12.03 2.48 1.64
N ASP F 23 11.85 3.55 2.43
CA ASP F 23 11.02 4.66 2.02
C ASP F 23 11.63 5.49 0.89
N GLY F 24 12.85 5.19 0.46
CA GLY F 24 13.41 5.97 -0.65
C GLY F 24 14.39 7.10 -0.26
N ASN F 25 14.70 7.20 1.03
CA ASN F 25 15.52 8.31 1.54
C ASN F 25 16.98 7.91 1.73
N ILE F 26 17.87 8.90 1.95
CA ILE F 26 19.28 8.63 2.16
C ILE F 26 19.60 8.75 3.64
N VAL F 27 20.41 7.83 4.18
CA VAL F 27 20.79 7.93 5.61
C VAL F 27 22.29 8.10 5.71
N VAL F 28 22.72 9.06 6.52
CA VAL F 28 24.14 9.16 6.90
C VAL F 28 24.29 8.71 8.35
N ALA F 29 24.96 7.57 8.56
CA ALA F 29 25.01 7.03 9.91
C ALA F 29 26.34 7.46 10.52
N ASP F 30 26.25 8.15 11.67
CA ASP F 30 27.43 8.47 12.50
C ASP F 30 27.66 7.25 13.42
N ILE F 31 28.73 6.52 13.17
CA ILE F 31 29.02 5.34 13.95
C ILE F 31 30.16 5.62 14.94
N ALA F 32 30.48 6.89 15.19
CA ALA F 32 31.65 7.21 16.07
C ALA F 32 31.44 6.58 17.46
N PHE F 33 30.20 6.51 17.93
CA PHE F 33 29.88 6.00 19.29
C PHE F 33 30.34 4.56 19.45
N ILE F 34 30.28 3.76 18.40
CA ILE F 34 30.54 2.33 18.51
C ILE F 34 31.85 1.88 17.87
N LYS F 35 32.59 2.82 17.29
CA LYS F 35 33.76 2.42 16.54
C LYS F 35 34.84 1.65 17.30
N HIS F 36 34.97 1.90 18.59
CA HIS F 36 35.95 1.15 19.36
C HIS F 36 35.40 -0.17 19.92
N ASP F 37 34.14 -0.48 19.68
CA ASP F 37 33.56 -1.73 20.17
C ASP F 37 33.45 -2.59 18.92
N LYS F 38 34.47 -3.43 18.68
CA LYS F 38 34.61 -4.08 17.38
C LYS F 38 33.52 -5.06 17.06
N LEU F 39 33.06 -5.84 18.05
CA LEU F 39 32.01 -6.80 17.73
C LEU F 39 30.68 -6.05 17.42
N THR F 40 30.32 -5.08 18.24
CA THR F 40 29.14 -4.22 17.96
C THR F 40 29.28 -3.51 16.58
N LEU F 41 30.44 -2.94 16.32
CA LEU F 41 30.67 -2.32 15.02
C LEU F 41 30.40 -3.35 13.89
N ASP F 42 31.00 -4.54 14.01
CA ASP F 42 30.76 -5.61 13.04
C ASP F 42 29.25 -5.96 12.86
N ARG F 43 28.54 -6.12 13.97
CA ARG F 43 27.13 -6.46 13.90
C ARG F 43 26.29 -5.36 13.19
N VAL F 44 26.56 -4.11 13.54
CA VAL F 44 25.82 -2.98 12.92
C VAL F 44 26.18 -2.87 11.46
N LEU F 45 27.46 -2.87 11.17
CA LEU F 45 27.87 -2.79 9.79
C LEU F 45 27.34 -3.95 8.94
N LYS F 46 27.36 -5.17 9.47
CA LYS F 46 26.75 -6.30 8.74
C LYS F 46 25.28 -5.96 8.35
N ASP F 47 24.50 -5.46 9.29
CA ASP F 47 23.09 -5.15 9.06
C ASP F 47 22.96 -4.06 8.04
N LEU F 48 23.82 -3.06 8.16
CA LEU F 48 23.69 -1.90 7.21
C LEU F 48 24.10 -2.28 5.79
N ARG F 49 25.19 -3.07 5.69
CA ARG F 49 25.62 -3.58 4.41
C ARG F 49 24.66 -4.57 3.74
N GLN F 50 23.99 -5.38 4.55
CA GLN F 50 22.96 -6.33 4.11
C GLN F 50 21.79 -5.51 3.58
N LEU F 51 21.46 -4.42 4.28
CA LEU F 51 20.37 -3.53 3.84
C LEU F 51 20.69 -2.91 2.45
N ALA F 52 21.85 -2.30 2.30
CA ALA F 52 22.26 -1.75 0.99
C ALA F 52 22.19 -2.81 -0.12
N GLU F 53 22.69 -4.02 0.16
CA GLU F 53 22.63 -5.12 -0.78
C GLU F 53 21.18 -5.49 -1.13
N ASP F 54 20.36 -5.57 -0.13
CA ASP F 54 18.99 -5.97 -0.32
C ASP F 54 18.09 -4.95 -1.06
N VAL F 55 18.58 -3.72 -1.20
CA VAL F 55 17.80 -2.71 -1.89
C VAL F 55 18.46 -2.21 -3.22
N LYS F 56 19.57 -2.85 -3.60
CA LYS F 56 20.46 -2.44 -4.68
C LYS F 56 20.81 -0.98 -4.47
N GLY F 57 21.10 -0.62 -3.22
CA GLY F 57 21.59 0.73 -2.90
C GLY F 57 23.09 0.65 -2.72
N ASP F 58 23.68 1.72 -2.20
CA ASP F 58 25.09 1.73 -2.03
C ASP F 58 25.39 2.11 -0.60
N ILE F 59 26.60 1.81 -0.14
CA ILE F 59 27.02 2.22 1.19
C ILE F 59 28.51 2.51 1.08
N VAL F 60 28.91 3.69 1.54
CA VAL F 60 30.32 4.09 1.45
C VAL F 60 30.77 4.80 2.76
N GLY F 61 31.97 4.49 3.21
CA GLY F 61 32.55 5.21 4.33
C GLY F 61 33.02 6.63 3.99
N LEU F 62 32.87 7.52 4.98
CA LEU F 62 33.52 8.83 5.00
C LEU F 62 34.38 8.87 6.22
N GLY F 63 35.70 8.67 6.02
CA GLY F 63 36.62 8.59 7.14
C GLY F 63 36.20 7.46 8.06
N GLU F 64 36.50 7.61 9.36
CA GLU F 64 36.19 6.53 10.28
C GLU F 64 34.81 6.66 10.92
N ASP F 65 34.17 7.84 10.86
CA ASP F 65 33.03 8.08 11.71
C ASP F 65 31.66 8.01 11.03
N TYR F 66 31.62 7.91 9.70
CA TYR F 66 30.34 7.96 8.98
C TYR F 66 30.27 6.93 7.90
N VAL F 67 29.05 6.50 7.57
CA VAL F 67 28.78 5.67 6.40
C VAL F 67 27.54 6.27 5.75
N ILE F 68 27.58 6.49 4.44
CA ILE F 68 26.43 7.03 3.77
C ILE F 68 25.74 5.86 3.08
N MSE F 69 24.42 5.78 3.22
CA MSE F 69 23.67 4.67 2.63
C MSE F 69 22.58 5.27 1.70
O MSE F 69 21.84 6.19 2.08
CB MSE F 69 23.07 3.80 3.78
CG MSE F 69 24.18 3.15 4.85
SE MSE F 69 22.87 2.55 6.12
CE MSE F 69 23.00 4.17 7.08
N THR F 70 22.54 4.79 0.44
CA THR F 70 21.60 5.29 -0.53
C THR F 70 20.51 4.21 -0.86
N PRO F 71 19.30 4.65 -1.18
CA PRO F 71 18.26 3.71 -1.58
C PRO F 71 18.45 3.23 -3.05
N THR F 72 17.55 2.34 -3.48
CA THR F 72 17.52 1.84 -4.88
C THR F 72 17.59 2.99 -5.87
N GLY F 73 18.41 2.81 -6.91
CA GLY F 73 18.40 3.82 -7.98
C GLY F 73 19.28 5.01 -7.66
N ILE F 74 19.83 5.10 -6.43
CA ILE F 74 20.76 6.21 -6.17
C ILE F 74 22.16 5.61 -5.87
N LYS F 75 23.18 5.96 -6.65
CA LYS F 75 24.51 5.37 -6.39
C LYS F 75 25.48 6.41 -5.85
N VAL F 76 26.60 5.94 -5.29
CA VAL F 76 27.74 6.77 -4.95
C VAL F 76 28.71 6.67 -6.11
N ASP F 77 29.03 7.81 -6.73
CA ASP F 77 30.03 7.88 -7.75
C ASP F 77 31.37 7.92 -6.99
N ARG F 78 32.19 6.87 -7.09
CA ARG F 78 33.42 6.80 -6.26
C ARG F 78 34.63 7.54 -6.88
N ASN F 79 34.43 8.07 -8.08
CA ASN F 79 35.40 8.95 -8.71
C ASN F 79 35.29 10.32 -8.05
N LYS F 80 36.18 10.63 -7.11
CA LYS F 80 36.07 11.90 -6.34
C LYS F 80 36.37 13.19 -7.15
N ILE F 81 35.78 14.30 -6.75
CA ILE F 81 36.15 15.59 -7.26
C ILE F 81 37.47 15.93 -6.57
N ARG F 82 38.45 16.34 -7.34
CA ARG F 82 39.76 16.63 -6.77
C ARG F 82 40.31 17.83 -7.46
N SER F 83 41.36 18.46 -6.92
CA SER F 83 42.10 19.51 -7.63
C SER F 83 42.75 19.00 -8.94
N SER F 84 42.51 19.64 -10.09
CA SER F 84 41.90 20.98 -10.26
C SER F 84 40.40 20.89 -10.43
#